data_4RJV
#
_entry.id   4RJV
#
_cell.length_a   37.666
_cell.length_b   46.688
_cell.length_c   48.066
_cell.angle_alpha   86.490
_cell.angle_beta   72.890
_cell.angle_gamma   72.330
#
_symmetry.space_group_name_H-M   'P 1'
#
loop_
_entity.id
_entity.type
_entity.pdbx_description
1 polymer OR461
2 water water
#
_entity_poly.entity_id   1
_entity_poly.type   'polypeptide(L)'
_entity_poly.pdbx_seq_one_letter_code
;MEMDIRFRGDDDEALARALLKMVVRAVSFGAQVRFTDDGNDLEIRITGVPEQVLKELAKEAERLAKEFGITVTRTIRGSL
EHHHHHH
;
_entity_poly.pdbx_strand_id   A,B,C,D
#
# COMPACT_ATOMS: atom_id res chain seq x y z
N MET A 1 -12.16 -1.67 4.79
CA MET A 1 -12.56 -2.84 5.56
C MET A 1 -11.32 -3.66 5.95
N GLU A 2 -11.29 -4.11 7.20
CA GLU A 2 -10.10 -4.73 7.78
C GLU A 2 -10.47 -5.86 8.75
N MET A 3 -9.69 -6.93 8.76
CA MET A 3 -9.89 -8.01 9.73
C MET A 3 -8.62 -8.16 10.55
N ASP A 4 -8.73 -8.01 11.87
CA ASP A 4 -7.57 -8.16 12.74
C ASP A 4 -7.65 -9.45 13.52
N ILE A 5 -6.58 -10.23 13.51
CA ILE A 5 -6.52 -11.53 14.18
C ILE A 5 -5.48 -11.53 15.29
N ARG A 6 -5.88 -11.86 16.51
CA ARG A 6 -4.99 -11.89 17.66
C ARG A 6 -4.80 -13.32 18.17
N PHE A 7 -3.56 -13.68 18.49
CA PHE A 7 -3.22 -15.03 18.91
C PHE A 7 -2.70 -15.04 20.33
N ARG A 8 -3.25 -15.91 21.17
CA ARG A 8 -2.77 -16.05 22.53
C ARG A 8 -2.67 -17.53 22.93
N GLY A 9 -1.65 -17.86 23.70
CA GLY A 9 -1.53 -19.21 24.20
C GLY A 9 -0.31 -19.35 25.07
N ASP A 10 -0.03 -20.56 25.53
CA ASP A 10 1.08 -20.78 26.44
C ASP A 10 2.35 -21.24 25.72
N ASP A 11 2.17 -21.93 24.60
CA ASP A 11 3.30 -22.52 23.87
C ASP A 11 3.68 -21.61 22.70
N ASP A 12 4.78 -20.88 22.84
CA ASP A 12 5.20 -19.94 21.79
C ASP A 12 5.49 -20.64 20.47
N GLU A 13 5.87 -21.91 20.52
CA GLU A 13 6.12 -22.65 19.29
C GLU A 13 4.82 -22.92 18.56
N ALA A 14 3.73 -23.15 19.32
CA ALA A 14 2.40 -23.29 18.72
C ALA A 14 1.87 -21.98 18.18
N LEU A 15 2.08 -20.90 18.93
CA LEU A 15 1.67 -19.58 18.45
C LEU A 15 2.41 -19.25 17.15
N ALA A 16 3.70 -19.55 17.10
CA ALA A 16 4.50 -19.29 15.89
C ALA A 16 3.97 -20.07 14.69
N ARG A 17 3.63 -21.33 14.90
CA ARG A 17 3.14 -22.16 13.79
C ARG A 17 1.78 -21.67 13.28
N ALA A 18 0.91 -21.27 14.21
CA ALA A 18 -0.39 -20.75 13.83
C ALA A 18 -0.26 -19.43 13.08
N LEU A 19 0.61 -18.56 13.58
CA LEU A 19 0.85 -17.27 12.90
C LEU A 19 1.34 -17.47 11.46
N LEU A 20 2.31 -18.35 11.28
CA LEU A 20 2.86 -18.58 9.95
C LEU A 20 1.76 -19.11 9.03
N LYS A 21 0.99 -20.07 9.51
CA LYS A 21 -0.09 -20.64 8.69
C LYS A 21 -1.13 -19.60 8.31
N MET A 22 -1.49 -18.77 9.27
CA MET A 22 -2.44 -17.68 9.02
C MET A 22 -1.93 -16.68 7.99
N VAL A 23 -0.67 -16.26 8.13
CA VAL A 23 -0.12 -15.27 7.22
C VAL A 23 -0.02 -15.81 5.79
N VAL A 24 0.48 -17.03 5.67
CA VAL A 24 0.58 -17.70 4.37
C VAL A 24 -0.80 -17.79 3.70
N ARG A 25 -1.84 -18.11 4.47
CA ARG A 25 -3.17 -18.26 3.89
C ARG A 25 -3.68 -16.90 3.41
N ALA A 26 -3.47 -15.85 4.19
CA ALA A 26 -3.99 -14.53 3.83
C ALA A 26 -3.25 -13.99 2.61
N VAL A 27 -1.94 -14.18 2.58
CA VAL A 27 -1.12 -13.71 1.46
C VAL A 27 -1.51 -14.39 0.15
N SER A 28 -1.93 -15.66 0.24
CA SER A 28 -2.27 -16.41 -0.95
C SER A 28 -3.49 -15.83 -1.63
N PHE A 29 -4.31 -15.12 -0.86
CA PHE A 29 -5.50 -14.44 -1.41
C PHE A 29 -5.14 -13.07 -1.97
N GLY A 30 -3.87 -12.70 -1.89
CA GLY A 30 -3.41 -11.40 -2.37
C GLY A 30 -3.70 -10.30 -1.37
N ALA A 31 -3.90 -10.68 -0.11
CA ALA A 31 -4.17 -9.70 0.92
C ALA A 31 -2.92 -8.97 1.37
N GLN A 32 -3.12 -7.74 1.86
CA GLN A 32 -2.06 -7.03 2.57
C GLN A 32 -2.12 -7.49 4.01
N VAL A 33 -0.97 -7.80 4.59
CA VAL A 33 -0.90 -8.29 5.95
C VAL A 33 0.19 -7.55 6.72
N ARG A 34 -0.21 -6.88 7.78
CA ARG A 34 0.70 -6.13 8.63
C ARG A 34 0.77 -6.75 10.02
N PHE A 35 1.96 -6.80 10.61
CA PHE A 35 2.16 -7.36 11.94
C PHE A 35 2.34 -6.30 13.02
N THR A 36 1.61 -6.42 14.13
CA THR A 36 1.79 -5.54 15.26
C THR A 36 1.91 -6.32 16.57
N ASP A 37 2.43 -5.67 17.61
CA ASP A 37 2.87 -6.37 18.81
C ASP A 37 2.84 -5.48 20.07
N ASP A 38 2.10 -5.92 21.09
CA ASP A 38 2.03 -5.19 22.35
C ASP A 38 2.41 -6.06 23.54
N GLY A 39 3.70 -6.16 23.82
CA GLY A 39 4.21 -6.87 24.98
C GLY A 39 4.04 -8.38 24.91
N ASN A 40 2.86 -8.82 24.49
CA ASN A 40 2.52 -10.23 24.44
C ASN A 40 1.34 -10.42 23.48
N ASP A 41 0.91 -9.32 22.87
CA ASP A 41 -0.26 -9.37 22.00
C ASP A 41 0.12 -9.40 20.53
N LEU A 42 0.32 -10.60 20.01
CA LEU A 42 0.59 -10.81 18.60
C LEU A 42 -0.69 -10.56 17.82
N GLU A 43 -0.60 -9.74 16.77
CA GLU A 43 -1.76 -9.40 15.97
C GLU A 43 -1.37 -9.21 14.51
N ILE A 44 -2.21 -9.68 13.61
CA ILE A 44 -2.08 -9.31 12.22
C ILE A 44 -3.30 -8.58 11.70
N ARG A 45 -3.09 -7.65 10.79
CA ARG A 45 -4.15 -6.85 10.19
C ARG A 45 -4.24 -7.22 8.73
N ILE A 46 -5.40 -7.63 8.28
CA ILE A 46 -5.59 -8.13 6.91
C ILE A 46 -6.51 -7.18 6.16
N THR A 47 -6.06 -6.66 5.04
CA THR A 47 -6.84 -5.77 4.19
C THR A 47 -6.69 -6.18 2.72
N GLY A 48 -7.50 -5.59 1.83
CA GLY A 48 -7.32 -5.75 0.39
C GLY A 48 -7.92 -6.99 -0.24
N VAL A 49 -8.86 -7.63 0.45
CA VAL A 49 -9.61 -8.77 -0.09
C VAL A 49 -11.10 -8.60 0.21
N PRO A 50 -11.98 -9.22 -0.62
CA PRO A 50 -13.42 -9.06 -0.42
C PRO A 50 -13.91 -9.56 0.94
N GLU A 51 -15.07 -9.07 1.37
CA GLU A 51 -15.62 -9.40 2.67
C GLU A 51 -15.72 -10.91 2.88
N GLN A 52 -16.18 -11.61 1.84
CA GLN A 52 -16.31 -13.06 1.90
C GLN A 52 -14.97 -13.75 2.16
N VAL A 53 -13.91 -13.24 1.54
CA VAL A 53 -12.57 -13.77 1.76
C VAL A 53 -12.15 -13.53 3.20
N LEU A 54 -12.36 -12.32 3.70
CA LEU A 54 -12.07 -12.02 5.11
C LEU A 54 -12.84 -12.97 6.03
N LYS A 55 -14.11 -13.19 5.72
CA LYS A 55 -14.93 -14.17 6.44
C LYS A 55 -14.32 -15.59 6.43
N GLU A 56 -13.81 -16.04 5.29
CA GLU A 56 -13.18 -17.36 5.20
C GLU A 56 -11.86 -17.42 5.96
N LEU A 57 -11.14 -16.31 5.98
CA LEU A 57 -9.89 -16.27 6.73
C LEU A 57 -10.19 -16.33 8.23
N ALA A 58 -11.33 -15.77 8.63
CA ALA A 58 -11.75 -15.80 10.02
C ALA A 58 -12.07 -17.23 10.47
N LYS A 59 -12.61 -18.03 9.56
CA LYS A 59 -12.90 -19.43 9.85
C LYS A 59 -11.64 -20.25 9.88
N GLU A 60 -10.67 -19.86 9.07
CA GLU A 60 -9.39 -20.54 9.09
C GLU A 60 -8.73 -20.26 10.44
N ALA A 61 -8.90 -19.04 10.93
CA ALA A 61 -8.42 -18.68 12.27
C ALA A 61 -9.05 -19.58 13.33
N GLU A 62 -10.34 -19.87 13.16
CA GLU A 62 -11.07 -20.79 14.03
C GLU A 62 -10.38 -22.15 14.06
N ARG A 63 -10.12 -22.68 12.87
CA ARG A 63 -9.54 -24.02 12.74
C ARG A 63 -8.13 -24.09 13.31
N LEU A 64 -7.35 -23.04 13.11
CA LEU A 64 -5.98 -23.00 13.63
C LEU A 64 -5.98 -23.03 15.15
N ALA A 65 -6.86 -22.23 15.75
CA ALA A 65 -6.97 -22.17 17.21
C ALA A 65 -7.20 -23.55 17.81
N LYS A 66 -8.10 -24.32 17.20
CA LYS A 66 -8.39 -25.67 17.68
C LYS A 66 -7.21 -26.59 17.42
N GLU A 67 -6.64 -26.51 16.23
CA GLU A 67 -5.54 -27.38 15.81
C GLU A 67 -4.33 -27.26 16.72
N PHE A 68 -4.02 -26.04 17.16
CA PHE A 68 -2.80 -25.78 17.92
C PHE A 68 -3.05 -25.53 19.40
N GLY A 69 -4.31 -25.54 19.81
CA GLY A 69 -4.65 -25.34 21.21
C GLY A 69 -4.29 -23.95 21.70
N ILE A 70 -4.70 -22.94 20.93
CA ILE A 70 -4.49 -21.55 21.31
C ILE A 70 -5.82 -20.78 21.21
N THR A 71 -5.83 -19.54 21.67
CA THR A 71 -7.04 -18.71 21.61
C THR A 71 -6.82 -17.69 20.51
N VAL A 72 -7.80 -17.58 19.61
CA VAL A 72 -7.69 -16.59 18.53
C VAL A 72 -8.93 -15.72 18.61
N THR A 73 -8.72 -14.42 18.61
CA THR A 73 -9.87 -13.51 18.56
C THR A 73 -9.78 -12.63 17.33
N ARG A 74 -10.91 -12.09 16.94
CA ARG A 74 -11.03 -11.40 15.69
C ARG A 74 -11.75 -10.09 15.86
N THR A 75 -11.32 -9.09 15.10
CA THR A 75 -12.00 -7.82 15.10
C THR A 75 -12.16 -7.36 13.66
N ILE A 76 -13.38 -6.98 13.29
CA ILE A 76 -13.67 -6.41 11.99
C ILE A 76 -13.83 -4.91 12.16
N ARG A 77 -13.21 -4.15 11.27
CA ARG A 77 -13.28 -2.69 11.28
C ARG A 77 -13.63 -2.17 9.89
N GLY A 78 -14.34 -1.04 9.84
CA GLY A 78 -14.62 -0.38 8.58
C GLY A 78 -15.53 -1.15 7.65
N SER A 79 -16.41 -1.97 8.21
CA SER A 79 -17.29 -2.81 7.39
C SER A 79 -18.68 -2.23 7.23
N LEU A 80 -19.37 -2.68 6.19
CA LEU A 80 -20.76 -2.26 5.95
C LEU A 80 -21.74 -3.26 6.54
N GLU A 81 -22.94 -2.79 6.87
CA GLU A 81 -24.01 -3.63 7.39
C GLU A 81 -24.73 -4.33 6.24
N HIS A 82 -25.06 -5.60 6.42
CA HIS A 82 -25.82 -6.35 5.42
C HIS A 82 -27.07 -7.00 6.01
N HIS A 83 -28.13 -6.99 5.22
CA HIS A 83 -29.35 -7.78 5.42
C HIS A 83 -29.18 -9.00 6.33
N MET B 1 13.83 3.58 2.18
CA MET B 1 14.50 2.29 2.18
C MET B 1 13.65 1.21 2.83
N GLU B 2 13.73 0.02 2.26
CA GLU B 2 12.99 -1.14 2.74
C GLU B 2 13.94 -2.31 2.78
N MET B 3 13.79 -3.17 3.79
CA MET B 3 14.53 -4.39 3.78
C MET B 3 13.63 -5.57 3.78
N ASP B 4 13.89 -6.49 2.86
CA ASP B 4 13.08 -7.68 2.76
C ASP B 4 13.91 -8.85 3.26
N ILE B 5 13.31 -9.72 4.06
CA ILE B 5 13.99 -10.85 4.65
C ILE B 5 13.23 -12.08 4.22
N ARG B 6 13.92 -13.01 3.56
CA ARG B 6 13.31 -14.25 3.07
C ARG B 6 13.98 -15.43 3.76
N PHE B 7 13.27 -16.09 4.67
CA PHE B 7 13.81 -17.30 5.27
C PHE B 7 13.43 -18.49 4.42
N ARG B 8 14.32 -19.49 4.35
CA ARG B 8 14.09 -20.72 3.61
C ARG B 8 14.63 -21.87 4.43
N GLY B 9 13.94 -23.00 4.41
CA GLY B 9 14.44 -24.18 5.14
C GLY B 9 13.67 -25.43 4.80
N ASP B 10 14.07 -26.56 5.36
CA ASP B 10 13.32 -27.80 5.15
C ASP B 10 12.65 -28.27 6.44
N ASP B 11 12.30 -27.32 7.29
CA ASP B 11 11.42 -27.56 8.42
C ASP B 11 10.55 -26.33 8.67
N ASP B 12 9.26 -26.48 8.42
CA ASP B 12 8.31 -25.38 8.59
C ASP B 12 8.20 -24.91 10.04
N GLU B 13 8.46 -25.81 10.98
CA GLU B 13 8.40 -25.39 12.38
C GLU B 13 9.55 -24.45 12.69
N ALA B 14 10.75 -24.75 12.18
CA ALA B 14 11.87 -23.84 12.38
C ALA B 14 11.65 -22.49 11.70
N LEU B 15 11.09 -22.52 10.49
CA LEU B 15 10.74 -21.29 9.78
C LEU B 15 9.78 -20.46 10.61
N ALA B 16 8.79 -21.10 11.20
CA ALA B 16 7.78 -20.38 11.99
C ALA B 16 8.44 -19.68 13.18
N ARG B 17 9.34 -20.37 13.88
CA ARG B 17 9.99 -19.81 15.07
C ARG B 17 10.86 -18.61 14.67
N ALA B 18 11.56 -18.73 13.56
CA ALA B 18 12.40 -17.62 13.12
C ALA B 18 11.55 -16.41 12.70
N LEU B 19 10.47 -16.66 11.98
CA LEU B 19 9.59 -15.59 11.53
C LEU B 19 9.04 -14.81 12.72
N LEU B 20 8.56 -15.52 13.73
CA LEU B 20 8.00 -14.84 14.90
C LEU B 20 9.05 -13.99 15.62
N LYS B 21 10.24 -14.55 15.83
CA LYS B 21 11.26 -13.78 16.50
C LYS B 21 11.68 -12.56 15.68
N MET B 22 11.74 -12.72 14.35
CA MET B 22 12.21 -11.62 13.51
C MET B 22 11.23 -10.46 13.57
N VAL B 23 9.93 -10.78 13.47
CA VAL B 23 8.91 -9.72 13.40
C VAL B 23 8.72 -9.02 14.73
N VAL B 24 8.80 -9.78 15.83
CA VAL B 24 8.73 -9.18 17.14
C VAL B 24 9.91 -8.21 17.37
N ARG B 25 11.10 -8.62 16.92
CA ARG B 25 12.29 -7.80 17.05
C ARG B 25 12.17 -6.53 16.21
N ALA B 26 11.70 -6.68 14.97
CA ALA B 26 11.56 -5.52 14.08
C ALA B 26 10.60 -4.47 14.66
N VAL B 27 9.44 -4.90 15.14
CA VAL B 27 8.48 -3.92 15.65
C VAL B 27 8.93 -3.27 16.95
N SER B 28 9.72 -3.98 17.76
CA SER B 28 10.26 -3.41 19.00
C SER B 28 11.16 -2.19 18.72
N PHE B 29 11.73 -2.14 17.53
CA PHE B 29 12.57 -1.00 17.13
C PHE B 29 11.75 0.11 16.48
N GLY B 30 10.45 -0.11 16.33
CA GLY B 30 9.58 0.89 15.76
C GLY B 30 9.39 0.75 14.27
N ALA B 31 9.85 -0.38 13.73
CA ALA B 31 9.69 -0.62 12.30
C ALA B 31 8.27 -1.07 11.99
N GLN B 32 7.84 -0.83 10.75
CA GLN B 32 6.62 -1.44 10.25
C GLN B 32 6.95 -2.76 9.54
N VAL B 33 6.10 -3.76 9.77
CA VAL B 33 6.31 -5.09 9.22
C VAL B 33 5.09 -5.53 8.43
N ARG B 34 5.35 -5.96 7.20
CA ARG B 34 4.32 -6.46 6.31
C ARG B 34 4.81 -7.75 5.67
N PHE B 35 3.91 -8.53 5.10
CA PHE B 35 4.30 -9.81 4.51
C PHE B 35 3.84 -9.89 3.07
N THR B 36 4.69 -10.40 2.19
CA THR B 36 4.32 -10.65 0.80
C THR B 36 4.86 -11.99 0.34
N ASP B 37 4.66 -12.30 -0.94
CA ASP B 37 5.20 -13.54 -1.51
C ASP B 37 6.36 -13.32 -2.48
N ASP B 38 7.39 -14.15 -2.35
CA ASP B 38 8.52 -14.16 -3.28
C ASP B 38 8.57 -15.56 -3.88
N GLY B 39 7.82 -15.78 -4.95
CA GLY B 39 7.60 -17.12 -5.46
C GLY B 39 6.77 -17.87 -4.44
N ASN B 40 7.27 -19.01 -3.96
CA ASN B 40 6.58 -19.73 -2.90
C ASN B 40 7.22 -19.54 -1.53
N ASP B 41 8.06 -18.51 -1.42
CA ASP B 41 8.66 -18.15 -0.14
C ASP B 41 7.97 -16.90 0.42
N LEU B 42 7.67 -16.93 1.71
CA LEU B 42 7.14 -15.76 2.37
C LEU B 42 8.26 -14.75 2.58
N GLU B 43 7.96 -13.48 2.36
CA GLU B 43 8.94 -12.41 2.55
C GLU B 43 8.40 -11.43 3.60
N ILE B 44 9.27 -11.07 4.54
CA ILE B 44 8.98 -10.06 5.56
C ILE B 44 9.51 -8.74 5.06
N ARG B 45 8.65 -7.74 4.91
CA ARG B 45 9.07 -6.42 4.46
C ARG B 45 9.17 -5.51 5.66
N ILE B 46 10.34 -4.93 5.88
CA ILE B 46 10.58 -4.06 7.02
C ILE B 46 10.82 -2.63 6.53
N THR B 47 10.02 -1.69 7.01
CA THR B 47 10.14 -0.29 6.62
C THR B 47 10.06 0.67 7.81
N GLY B 48 10.29 1.95 7.56
CA GLY B 48 9.99 2.98 8.54
C GLY B 48 11.04 3.28 9.61
N VAL B 49 12.23 2.71 9.47
CA VAL B 49 13.32 3.03 10.39
C VAL B 49 14.54 3.41 9.58
N PRO B 50 15.50 4.13 10.19
CA PRO B 50 16.65 4.56 9.40
C PRO B 50 17.51 3.38 8.93
N GLU B 51 18.34 3.64 7.92
CA GLU B 51 19.16 2.61 7.28
C GLU B 51 19.98 1.76 8.26
N GLN B 52 20.57 2.42 9.25
CA GLN B 52 21.43 1.72 10.21
C GLN B 52 20.67 0.74 11.11
N VAL B 53 19.40 1.03 11.38
CA VAL B 53 18.57 0.11 12.12
C VAL B 53 18.18 -1.09 11.26
N LEU B 54 17.94 -0.83 9.97
CA LEU B 54 17.68 -1.91 9.02
C LEU B 54 18.85 -2.87 8.90
N LYS B 55 20.08 -2.31 8.93
CA LYS B 55 21.29 -3.12 8.90
C LYS B 55 21.43 -4.00 10.14
N GLU B 56 21.09 -3.45 11.30
CA GLU B 56 21.13 -4.26 12.52
C GLU B 56 20.09 -5.37 12.49
N LEU B 57 18.91 -5.08 11.93
CA LEU B 57 17.90 -6.12 11.78
C LEU B 57 18.33 -7.21 10.79
N ALA B 58 19.15 -6.84 9.81
CA ALA B 58 19.76 -7.81 8.89
C ALA B 58 20.66 -8.76 9.64
N LYS B 59 21.47 -8.20 10.53
CA LYS B 59 22.37 -9.01 11.33
C LYS B 59 21.57 -9.91 12.24
N GLU B 60 20.43 -9.41 12.74
CA GLU B 60 19.54 -10.23 13.53
C GLU B 60 18.98 -11.39 12.73
N ALA B 61 18.62 -11.15 11.46
CA ALA B 61 18.08 -12.23 10.63
C ALA B 61 19.09 -13.36 10.45
N GLU B 62 20.36 -12.99 10.25
CA GLU B 62 21.43 -13.97 10.13
C GLU B 62 21.58 -14.80 11.38
N ARG B 63 21.51 -14.12 12.52
CA ARG B 63 21.61 -14.81 13.81
C ARG B 63 20.46 -15.78 14.04
N LEU B 64 19.25 -15.36 13.69
CA LEU B 64 18.09 -16.23 13.84
C LEU B 64 18.16 -17.44 12.91
N ALA B 65 18.64 -17.25 11.68
CA ALA B 65 18.73 -18.36 10.76
C ALA B 65 19.68 -19.43 11.34
N LYS B 66 20.77 -18.98 11.95
CA LYS B 66 21.73 -19.90 12.57
C LYS B 66 21.11 -20.57 13.77
N GLU B 67 20.35 -19.79 14.54
CA GLU B 67 19.80 -20.31 15.79
C GLU B 67 18.80 -21.43 15.51
N PHE B 68 18.01 -21.28 14.45
CA PHE B 68 16.93 -22.21 14.20
C PHE B 68 17.21 -23.22 13.08
N GLY B 69 18.35 -23.06 12.40
CA GLY B 69 18.81 -24.03 11.43
C GLY B 69 18.15 -23.90 10.07
N ILE B 70 18.02 -22.66 9.63
CA ILE B 70 17.43 -22.37 8.32
C ILE B 70 18.37 -21.41 7.61
N THR B 71 17.98 -20.99 6.40
CA THR B 71 18.78 -20.02 5.64
C THR B 71 18.00 -18.74 5.42
N VAL B 72 18.69 -17.68 5.04
CA VAL B 72 18.04 -16.38 4.85
C VAL B 72 18.74 -15.62 3.74
N THR B 73 17.96 -14.85 3.00
CA THR B 73 18.48 -13.90 2.04
C THR B 73 17.83 -12.58 2.36
N ARG B 74 18.57 -11.49 2.14
CA ARG B 74 18.13 -10.14 2.39
C ARG B 74 18.07 -9.37 1.09
N THR B 75 17.06 -8.53 0.94
CA THR B 75 17.00 -7.64 -0.22
C THR B 75 16.84 -6.23 0.29
N ILE B 76 17.77 -5.36 -0.03
CA ILE B 76 17.64 -3.96 0.31
C ILE B 76 17.10 -3.22 -0.89
N ARG B 77 15.99 -2.52 -0.70
CA ARG B 77 15.33 -1.86 -1.79
C ARG B 77 15.17 -0.35 -1.58
N GLY B 78 15.34 0.40 -2.67
CA GLY B 78 14.96 1.80 -2.68
C GLY B 78 16.04 2.79 -2.26
N SER B 79 17.29 2.33 -2.18
CA SER B 79 18.39 3.24 -1.88
C SER B 79 18.63 4.21 -3.03
N LEU B 80 19.01 5.44 -2.70
CA LEU B 80 19.28 6.44 -3.72
C LEU B 80 20.76 6.48 -4.11
N MET C 1 6.24 28.86 -18.20
CA MET C 1 7.04 27.64 -18.17
C MET C 1 6.20 26.47 -17.63
N GLU C 2 6.33 25.30 -18.25
CA GLU C 2 5.62 24.12 -17.78
C GLU C 2 6.37 22.84 -18.07
N MET C 3 5.93 21.75 -17.45
CA MET C 3 6.64 20.49 -17.53
C MET C 3 5.66 19.32 -17.50
N ASP C 4 5.80 18.42 -18.47
CA ASP C 4 5.09 17.15 -18.44
C ASP C 4 6.03 16.09 -17.90
N ILE C 5 5.50 15.22 -17.05
CA ILE C 5 6.26 14.10 -16.51
C ILE C 5 5.55 12.81 -16.91
N ARG C 6 6.25 11.95 -17.63
CA ARG C 6 5.69 10.67 -18.04
C ARG C 6 6.42 9.56 -17.31
N PHE C 7 5.64 8.66 -16.74
CA PHE C 7 6.16 7.49 -16.07
C PHE C 7 5.69 6.26 -16.84
N ARG C 8 6.61 5.34 -17.09
CA ARG C 8 6.19 4.03 -17.54
C ARG C 8 7.02 2.94 -16.89
N GLY C 9 6.46 1.74 -16.83
CA GLY C 9 7.13 0.60 -16.23
C GLY C 9 6.26 -0.63 -16.37
N ASP C 10 6.76 -1.76 -15.88
CA ASP C 10 6.02 -3.01 -15.96
C ASP C 10 5.42 -3.42 -14.62
N ASP C 11 5.51 -2.54 -13.62
CA ASP C 11 4.94 -2.78 -12.30
C ASP C 11 3.97 -1.67 -11.94
N ASP C 12 2.67 -1.97 -11.98
CA ASP C 12 1.65 -0.97 -11.67
C ASP C 12 1.72 -0.49 -10.22
N GLU C 13 2.10 -1.38 -9.30
CA GLU C 13 2.20 -0.99 -7.90
C GLU C 13 3.31 0.05 -7.71
N ALA C 14 4.44 -0.17 -8.37
CA ALA C 14 5.53 0.81 -8.33
C ALA C 14 5.14 2.11 -9.03
N LEU C 15 4.46 2.00 -10.16
CA LEU C 15 3.98 3.18 -10.87
C LEU C 15 3.03 4.00 -10.01
N ALA C 16 2.11 3.31 -9.32
CA ALA C 16 1.12 4.00 -8.50
C ALA C 16 1.79 4.76 -7.37
N ARG C 17 2.76 4.12 -6.71
CA ARG C 17 3.43 4.74 -5.58
C ARG C 17 4.28 5.94 -6.00
N ALA C 18 4.94 5.82 -7.16
CA ALA C 18 5.72 6.93 -7.71
C ALA C 18 4.81 8.08 -8.12
N LEU C 19 3.68 7.76 -8.74
CA LEU C 19 2.74 8.78 -9.19
C LEU C 19 2.22 9.56 -7.97
N LEU C 20 1.85 8.85 -6.92
CA LEU C 20 1.39 9.52 -5.71
C LEU C 20 2.47 10.44 -5.13
N LYS C 21 3.69 9.97 -5.01
CA LYS C 21 4.73 10.81 -4.43
C LYS C 21 4.97 12.02 -5.30
N MET C 22 4.94 11.83 -6.61
CA MET C 22 5.22 12.92 -7.54
C MET C 22 4.14 14.00 -7.50
N VAL C 23 2.87 13.58 -7.47
CA VAL C 23 1.75 14.51 -7.39
C VAL C 23 1.74 15.27 -6.07
N VAL C 24 1.93 14.54 -4.98
CA VAL C 24 1.95 15.15 -3.66
C VAL C 24 3.04 16.23 -3.56
N ARG C 25 4.23 15.95 -4.08
CA ARG C 25 5.30 16.94 -4.09
C ARG C 25 4.93 18.15 -4.94
N ALA C 26 4.38 17.91 -6.13
CA ALA C 26 4.01 19.02 -7.01
C ALA C 26 2.91 19.91 -6.41
N VAL C 27 1.86 19.30 -5.88
CA VAL C 27 0.79 20.07 -5.27
C VAL C 27 1.24 20.81 -4.02
N SER C 28 2.24 20.29 -3.31
CA SER C 28 2.75 20.96 -2.11
C SER C 28 3.39 22.30 -2.44
N PHE C 29 3.83 22.46 -3.69
CA PHE C 29 4.39 23.73 -4.16
C PHE C 29 3.33 24.65 -4.76
N GLY C 30 2.07 24.25 -4.71
CA GLY C 30 1.00 25.09 -5.22
C GLY C 30 0.85 24.99 -6.72
N ALA C 31 1.49 23.98 -7.31
CA ALA C 31 1.39 23.75 -8.74
C ALA C 31 0.02 23.25 -9.13
N GLN C 32 -0.39 23.57 -10.35
CA GLN C 32 -1.55 22.94 -10.95
C GLN C 32 -1.04 21.65 -11.59
N VAL C 33 -1.76 20.56 -11.35
CA VAL C 33 -1.36 19.25 -11.83
C VAL C 33 -2.54 18.59 -12.51
N ARG C 34 -2.39 18.26 -13.79
CA ARG C 34 -3.44 17.64 -14.59
C ARG C 34 -2.98 16.27 -15.06
N PHE C 35 -3.83 15.26 -14.95
CA PHE C 35 -3.46 13.88 -15.28
C PHE C 35 -4.04 13.44 -16.63
N THR C 36 -3.22 12.75 -17.41
CA THR C 36 -3.69 12.03 -18.58
C THR C 36 -3.04 10.64 -18.71
N ASP C 37 -3.65 9.79 -19.51
CA ASP C 37 -3.21 8.40 -19.64
C ASP C 37 -2.78 8.10 -21.06
N ASP C 38 -1.86 7.14 -21.22
CA ASP C 38 -1.38 6.73 -22.54
C ASP C 38 -1.00 5.26 -22.57
N GLY C 39 -1.97 4.39 -22.26
CA GLY C 39 -1.75 2.96 -22.27
C GLY C 39 -1.34 2.46 -20.90
N ASN C 40 -0.04 2.32 -20.69
CA ASN C 40 0.52 2.06 -19.38
C ASN C 40 1.09 3.36 -18.86
N ASP C 41 1.65 4.12 -19.80
CA ASP C 41 2.26 5.39 -19.49
C ASP C 41 1.30 6.33 -18.79
N LEU C 42 1.83 7.02 -17.80
CA LEU C 42 1.06 7.95 -17.02
C LEU C 42 1.65 9.29 -17.35
N GLU C 43 0.83 10.34 -17.41
CA GLU C 43 1.36 11.66 -17.68
C GLU C 43 0.76 12.70 -16.76
N ILE C 44 1.61 13.52 -16.15
CA ILE C 44 1.11 14.68 -15.43
C ILE C 44 1.70 15.95 -16.00
N ARG C 45 0.84 16.96 -16.11
CA ARG C 45 1.22 18.25 -16.64
C ARG C 45 1.26 19.20 -15.46
N ILE C 46 2.42 19.81 -15.26
CA ILE C 46 2.68 20.68 -14.13
C ILE C 46 2.79 22.13 -14.60
N THR C 47 1.94 23.00 -14.08
CA THR C 47 1.90 24.40 -14.50
C THR C 47 1.73 25.32 -13.28
N GLY C 48 1.86 26.63 -13.49
CA GLY C 48 1.59 27.59 -12.44
C GLY C 48 2.69 27.82 -11.41
N VAL C 49 3.90 27.35 -11.71
CA VAL C 49 5.02 27.50 -10.79
C VAL C 49 6.27 28.03 -11.49
N PRO C 50 7.10 28.79 -10.75
CA PRO C 50 8.30 29.37 -11.35
C PRO C 50 9.37 28.33 -11.61
N GLU C 51 10.39 28.72 -12.36
CA GLU C 51 11.47 27.85 -12.79
C GLU C 51 12.14 27.09 -11.65
N GLN C 52 12.38 27.78 -10.54
CA GLN C 52 13.02 27.16 -9.38
C GLN C 52 12.24 25.95 -8.85
N VAL C 53 10.91 26.06 -8.84
CA VAL C 53 10.09 24.93 -8.43
C VAL C 53 10.17 23.79 -9.45
N LEU C 54 10.08 24.12 -10.74
CA LEU C 54 10.12 23.09 -11.77
C LEU C 54 11.42 22.32 -11.76
N LYS C 55 12.52 23.02 -11.50
CA LYS C 55 13.81 22.37 -11.40
C LYS C 55 13.82 21.37 -10.24
N GLU C 56 13.21 21.74 -9.12
CA GLU C 56 13.15 20.84 -7.97
C GLU C 56 12.27 19.62 -8.25
N LEU C 57 11.18 19.82 -8.97
CA LEU C 57 10.30 18.70 -9.31
C LEU C 57 10.94 17.75 -10.31
N ALA C 58 11.72 18.30 -11.23
CA ALA C 58 12.48 17.47 -12.16
C ALA C 58 13.49 16.59 -11.41
N LYS C 59 14.11 17.14 -10.38
CA LYS C 59 15.02 16.36 -9.55
C LYS C 59 14.25 15.27 -8.77
N GLU C 60 13.05 15.59 -8.31
CA GLU C 60 12.23 14.58 -7.64
C GLU C 60 11.90 13.43 -8.60
N ALA C 61 11.61 13.76 -9.85
CA ALA C 61 11.23 12.74 -10.82
C ALA C 61 12.43 11.81 -11.07
N GLU C 62 13.63 12.40 -11.12
CA GLU C 62 14.84 11.62 -11.31
C GLU C 62 15.08 10.67 -10.15
N ARG C 63 14.85 11.15 -8.93
CA ARG C 63 14.98 10.28 -7.77
C ARG C 63 13.96 9.16 -7.76
N LEU C 64 12.73 9.45 -8.17
CA LEU C 64 11.69 8.41 -8.24
C LEU C 64 12.05 7.35 -9.29
N ALA C 65 12.69 7.76 -10.38
CA ALA C 65 13.21 6.84 -11.39
C ALA C 65 14.07 5.75 -10.76
N LYS C 66 14.98 6.16 -9.88
CA LYS C 66 15.89 5.20 -9.27
C LYS C 66 15.21 4.45 -8.11
N GLU C 67 14.40 5.15 -7.35
CA GLU C 67 13.78 4.55 -6.17
C GLU C 67 12.78 3.44 -6.54
N PHE C 68 12.00 3.68 -7.60
CA PHE C 68 10.95 2.74 -7.99
C PHE C 68 11.27 1.94 -9.26
N GLY C 69 12.40 2.23 -9.89
CA GLY C 69 12.83 1.48 -11.06
C GLY C 69 11.99 1.70 -12.29
N ILE C 70 11.48 2.92 -12.44
CA ILE C 70 10.59 3.26 -13.54
C ILE C 70 11.31 4.11 -14.58
N THR C 71 10.68 4.27 -15.73
CA THR C 71 11.26 5.00 -16.85
C THR C 71 10.64 6.40 -16.86
N VAL C 72 11.47 7.42 -16.71
CA VAL C 72 11.01 8.80 -16.56
C VAL C 72 11.42 9.69 -17.71
N THR C 73 10.42 10.38 -18.28
CA THR C 73 10.60 11.26 -19.40
C THR C 73 10.02 12.59 -18.94
N ARG C 74 10.86 13.61 -18.90
CA ARG C 74 10.41 14.98 -18.61
C ARG C 74 10.39 15.78 -19.90
N THR C 75 9.27 16.42 -20.22
CA THR C 75 9.21 17.31 -21.36
C THR C 75 9.08 18.71 -20.79
N ILE C 76 10.01 19.59 -21.10
CA ILE C 76 10.03 20.93 -20.56
C ILE C 76 9.78 21.96 -21.64
N ARG C 77 8.85 22.87 -21.39
CA ARG C 77 8.56 23.95 -22.33
C ARG C 77 8.79 25.31 -21.68
N GLY C 78 9.40 26.23 -22.41
CA GLY C 78 9.52 27.61 -21.97
C GLY C 78 10.85 28.02 -21.36
N SER C 79 11.96 27.45 -21.85
CA SER C 79 13.31 27.77 -21.36
C SER C 79 13.56 29.26 -21.14
N MET D 1 -20.88 20.39 -14.06
CA MET D 1 -20.82 19.66 -12.79
C MET D 1 -19.40 19.16 -12.53
N GLU D 2 -19.00 19.15 -11.27
CA GLU D 2 -17.68 18.65 -10.88
C GLU D 2 -17.87 17.60 -9.79
N MET D 3 -16.99 16.62 -9.71
CA MET D 3 -16.96 15.72 -8.56
C MET D 3 -15.59 15.74 -7.93
N ASP D 4 -15.55 15.90 -6.62
CA ASP D 4 -14.30 15.86 -5.88
C ASP D 4 -14.20 14.58 -5.05
N ILE D 5 -13.10 13.87 -5.21
CA ILE D 5 -12.85 12.60 -4.54
C ILE D 5 -11.63 12.76 -3.65
N ARG D 6 -11.76 12.35 -2.39
CA ARG D 6 -10.65 12.41 -1.45
C ARG D 6 -10.47 11.04 -0.80
N PHE D 7 -9.28 10.46 -0.99
CA PHE D 7 -8.94 9.21 -0.33
C PHE D 7 -8.18 9.47 0.95
N ARG D 8 -8.47 8.68 1.98
CA ARG D 8 -7.81 8.79 3.27
C ARG D 8 -7.52 7.40 3.83
N GLY D 9 -6.34 7.20 4.40
CA GLY D 9 -5.98 5.93 5.01
C GLY D 9 -4.58 5.93 5.60
N ASP D 10 -4.23 4.86 6.32
CA ASP D 10 -2.92 4.78 6.95
C ASP D 10 -1.91 3.95 6.15
N ASP D 11 -2.38 3.29 5.11
CA ASP D 11 -1.50 2.54 4.21
C ASP D 11 -1.34 3.34 2.92
N ASP D 12 -0.17 3.97 2.76
CA ASP D 12 0.09 4.85 1.62
C ASP D 12 0.13 4.07 0.31
N GLU D 13 0.48 2.79 0.42
CA GLU D 13 0.54 1.91 -0.74
C GLU D 13 -0.87 1.62 -1.27
N ALA D 14 -1.80 1.36 -0.35
CA ALA D 14 -3.22 1.20 -0.73
C ALA D 14 -3.82 2.48 -1.32
N LEU D 15 -3.51 3.62 -0.69
CA LEU D 15 -3.93 4.93 -1.17
C LEU D 15 -3.47 5.15 -2.61
N ALA D 16 -2.19 4.88 -2.86
CA ALA D 16 -1.61 5.08 -4.19
C ALA D 16 -2.31 4.21 -5.24
N ARG D 17 -2.57 2.96 -4.89
CA ARG D 17 -3.21 2.02 -5.80
C ARG D 17 -4.64 2.46 -6.14
N ALA D 18 -5.40 2.89 -5.12
CA ALA D 18 -6.74 3.43 -5.35
C ALA D 18 -6.74 4.68 -6.22
N LEU D 19 -5.82 5.59 -5.93
CA LEU D 19 -5.70 6.83 -6.69
C LEU D 19 -5.44 6.55 -8.17
N LEU D 20 -4.51 5.64 -8.46
CA LEU D 20 -4.16 5.35 -9.83
C LEU D 20 -5.36 4.77 -10.59
N LYS D 21 -6.03 3.80 -9.99
CA LYS D 21 -7.17 3.16 -10.66
C LYS D 21 -8.28 4.17 -10.91
N MET D 22 -8.50 5.08 -9.96
CA MET D 22 -9.57 6.07 -10.10
C MET D 22 -9.30 7.04 -11.24
N VAL D 23 -8.09 7.57 -11.29
CA VAL D 23 -7.77 8.56 -12.32
C VAL D 23 -7.72 7.95 -13.70
N VAL D 24 -7.22 6.72 -13.79
CA VAL D 24 -7.21 6.03 -15.08
C VAL D 24 -8.65 5.81 -15.55
N ARG D 25 -9.54 5.41 -14.63
CA ARG D 25 -10.94 5.20 -15.00
C ARG D 25 -11.62 6.49 -15.47
N ALA D 26 -11.32 7.60 -14.80
CA ALA D 26 -11.93 8.89 -15.12
C ALA D 26 -11.52 9.36 -16.52
N VAL D 27 -10.21 9.34 -16.80
CA VAL D 27 -9.78 9.80 -18.11
C VAL D 27 -10.22 8.88 -19.25
N SER D 28 -10.51 7.61 -18.95
CA SER D 28 -11.03 6.68 -19.95
C SER D 28 -12.43 7.06 -20.44
N PHE D 29 -13.12 7.91 -19.68
CA PHE D 29 -14.42 8.43 -20.08
C PHE D 29 -14.31 9.84 -20.68
N GLY D 30 -13.10 10.35 -20.77
CA GLY D 30 -12.87 11.66 -21.37
C GLY D 30 -12.96 12.78 -20.36
N ALA D 31 -12.90 12.43 -19.09
CA ALA D 31 -12.92 13.44 -18.03
C ALA D 31 -11.61 14.20 -17.97
N GLN D 32 -11.69 15.43 -17.48
CA GLN D 32 -10.48 16.14 -17.05
C GLN D 32 -10.25 15.83 -15.59
N VAL D 33 -9.02 15.54 -15.24
CA VAL D 33 -8.65 15.19 -13.88
C VAL D 33 -7.55 16.14 -13.43
N ARG D 34 -7.81 16.85 -12.34
CA ARG D 34 -6.84 17.75 -11.71
C ARG D 34 -6.61 17.31 -10.27
N PHE D 35 -5.42 17.59 -9.74
CA PHE D 35 -5.16 17.32 -8.33
C PHE D 35 -4.95 18.61 -7.58
N THR D 36 -5.49 18.68 -6.37
CA THR D 36 -5.25 19.84 -5.50
C THR D 36 -4.98 19.40 -4.08
N ASP D 37 -4.37 20.31 -3.31
CA ASP D 37 -3.91 20.04 -1.96
C ASP D 37 -4.72 20.90 -0.99
N ASP D 38 -5.71 20.29 -0.35
CA ASP D 38 -6.63 21.00 0.55
C ASP D 38 -6.60 20.41 1.96
N GLY D 39 -5.62 20.85 2.75
CA GLY D 39 -5.29 20.21 4.02
C GLY D 39 -3.98 19.48 3.84
N ASN D 40 -3.84 18.32 4.49
CA ASN D 40 -2.78 17.39 4.13
C ASN D 40 -3.41 16.19 3.43
N ASP D 41 -4.44 16.49 2.65
CA ASP D 41 -5.20 15.48 1.95
C ASP D 41 -5.25 15.82 0.48
N LEU D 42 -5.04 14.83 -0.37
CA LEU D 42 -5.07 15.07 -1.81
C LEU D 42 -6.51 14.98 -2.29
N GLU D 43 -6.93 15.97 -3.08
CA GLU D 43 -8.24 15.99 -3.73
C GLU D 43 -8.08 15.77 -5.23
N ILE D 44 -8.88 14.85 -5.78
CA ILE D 44 -9.00 14.64 -7.22
C ILE D 44 -10.25 15.36 -7.69
N ARG D 45 -10.11 16.29 -8.63
CA ARG D 45 -11.22 17.05 -9.20
C ARG D 45 -11.53 16.50 -10.58
N ILE D 46 -12.75 16.06 -10.78
CA ILE D 46 -13.16 15.44 -12.05
C ILE D 46 -14.24 16.30 -12.69
N THR D 47 -14.00 16.72 -13.93
CA THR D 47 -14.92 17.60 -14.62
C THR D 47 -14.99 17.18 -16.08
N GLY D 48 -15.90 17.83 -16.82
CA GLY D 48 -15.94 17.65 -18.26
C GLY D 48 -16.71 16.47 -18.81
N VAL D 49 -17.53 15.83 -17.97
CA VAL D 49 -18.38 14.74 -18.46
C VAL D 49 -19.79 14.91 -17.92
N PRO D 50 -20.78 14.29 -18.58
CA PRO D 50 -22.16 14.37 -18.07
C PRO D 50 -22.36 13.69 -16.71
N GLU D 51 -23.48 14.02 -16.06
CA GLU D 51 -23.72 13.62 -14.66
C GLU D 51 -23.74 12.11 -14.44
N GLN D 52 -24.34 11.37 -15.36
CA GLN D 52 -24.43 9.92 -15.21
C GLN D 52 -23.06 9.25 -15.30
N VAL D 53 -22.12 9.90 -15.99
CA VAL D 53 -20.75 9.41 -15.98
C VAL D 53 -20.15 9.65 -14.60
N LEU D 54 -20.41 10.83 -14.03
CA LEU D 54 -19.95 11.15 -12.68
C LEU D 54 -20.52 10.15 -11.66
N LYS D 55 -21.78 9.76 -11.85
CA LYS D 55 -22.41 8.81 -10.94
C LYS D 55 -21.74 7.43 -10.99
N GLU D 56 -21.29 7.02 -12.18
CA GLU D 56 -20.57 5.75 -12.31
C GLU D 56 -19.20 5.87 -11.64
N LEU D 57 -18.54 7.01 -11.84
CA LEU D 57 -17.24 7.23 -11.21
C LEU D 57 -17.38 7.32 -9.68
N ALA D 58 -18.50 7.83 -9.20
CA ALA D 58 -18.76 7.85 -7.76
C ALA D 58 -18.92 6.42 -7.24
N LYS D 59 -19.52 5.57 -8.05
CA LYS D 59 -19.63 4.15 -7.72
C LYS D 59 -18.29 3.42 -7.80
N GLU D 60 -17.43 3.83 -8.73
CA GLU D 60 -16.09 3.27 -8.82
C GLU D 60 -15.26 3.64 -7.59
N ALA D 61 -15.37 4.89 -7.15
CA ALA D 61 -14.60 5.37 -6.01
C ALA D 61 -14.98 4.58 -4.75
N GLU D 62 -16.28 4.31 -4.62
CA GLU D 62 -16.78 3.52 -3.49
C GLU D 62 -16.20 2.11 -3.52
N ARG D 63 -16.20 1.50 -4.70
CA ARG D 63 -15.63 0.16 -4.86
C ARG D 63 -14.16 0.13 -4.48
N LEU D 64 -13.43 1.18 -4.84
CA LEU D 64 -11.97 1.17 -4.63
C LEU D 64 -11.63 1.26 -3.15
N ALA D 65 -12.41 2.06 -2.42
CA ALA D 65 -12.28 2.11 -0.97
C ALA D 65 -12.64 0.76 -0.36
N LYS D 66 -13.59 0.05 -0.99
CA LYS D 66 -13.90 -1.33 -0.60
C LYS D 66 -12.72 -2.22 -0.97
N GLU D 67 -12.34 -2.15 -2.25
CA GLU D 67 -11.31 -3.03 -2.81
C GLU D 67 -10.01 -2.96 -2.04
N PHE D 68 -9.65 -1.76 -1.56
CA PHE D 68 -8.35 -1.52 -0.94
C PHE D 68 -8.35 -1.16 0.55
N GLY D 69 -9.52 -1.12 1.17
CA GLY D 69 -9.60 -0.88 2.60
C GLY D 69 -9.20 0.50 3.11
N ILE D 70 -9.56 1.54 2.38
CA ILE D 70 -9.33 2.91 2.81
C ILE D 70 -10.65 3.69 2.81
N THR D 71 -10.61 4.95 3.21
CA THR D 71 -11.81 5.78 3.28
C THR D 71 -11.88 6.75 2.11
N VAL D 72 -13.06 6.93 1.54
CA VAL D 72 -13.22 7.91 0.46
C VAL D 72 -14.42 8.84 0.68
N THR D 73 -14.21 10.12 0.40
CA THR D 73 -15.33 11.05 0.36
C THR D 73 -15.63 11.49 -1.07
N ARG D 74 -16.91 11.63 -1.38
CA ARG D 74 -17.35 12.00 -2.73
C ARG D 74 -18.29 13.19 -2.65
N THR D 75 -17.90 14.28 -3.25
CA THR D 75 -18.70 15.52 -3.26
C THR D 75 -18.94 15.99 -4.67
N ILE D 76 -20.18 16.05 -5.07
CA ILE D 76 -20.57 16.60 -6.36
C ILE D 76 -20.91 18.06 -6.18
N ARG D 77 -20.50 18.90 -7.12
CA ARG D 77 -20.84 20.32 -7.07
C ARG D 77 -21.56 20.69 -8.34
N GLY D 78 -22.71 21.35 -8.21
CA GLY D 78 -23.45 21.82 -9.37
C GLY D 78 -24.44 22.92 -8.98
N SER D 79 -25.38 23.20 -9.88
CA SER D 79 -26.40 24.23 -9.64
C SER D 79 -27.59 23.67 -8.84
N LEU D 80 -28.57 24.54 -8.59
CA LEU D 80 -29.78 24.15 -7.86
C LEU D 80 -30.73 23.31 -8.71
N GLU D 81 -30.39 23.13 -9.98
CA GLU D 81 -31.19 22.31 -10.88
C GLU D 81 -31.02 20.83 -10.59
N HIS D 82 -32.12 20.17 -10.22
CA HIS D 82 -32.13 18.72 -10.08
C HIS D 82 -32.70 18.09 -11.34
N HIS D 83 -32.30 16.85 -11.63
CA HIS D 83 -32.94 16.08 -12.69
C HIS D 83 -34.12 15.31 -12.12
#